data_9CYA
#
_entry.id   9CYA
#
_cell.length_a   139.387
_cell.length_b   50.591
_cell.length_c   73.308
_cell.angle_alpha   90.000
_cell.angle_beta   120.876
_cell.angle_gamma   90.000
#
_symmetry.space_group_name_H-M   'C 1 2 1'
#
loop_
_entity.id
_entity.type
_entity.pdbx_description
1 polymer 'D-ornithine/D-lysine decarboxylase'
2 non-polymer 'CHLORIDE ION'
3 non-polymer 'SODIUM ION'
4 non-polymer 1,4-DIAMINOBUTANE
5 non-polymer '4-(2-HYDROXYETHYL)-1-PIPERAZINE ETHANESULFONIC ACID'
6 non-polymer 'DIMETHYL SULFOXIDE'
7 non-polymer 'ACETATE ION'
8 non-polymer 1,2-ETHANEDIOL
9 non-polymer GLYCEROL
10 water water
#
_entity_poly.entity_id   1
_entity_poly.type   'polypeptide(L)'
_entity_poly.pdbx_seq_one_letter_code
;MTDSIMQNYNQLREQVINGDRRFQHKDGHLCFEGVDLDALARQYPTPFYVFSEPEIIRNIHEIQQAFAAHKNTKTFFAS
(LLP)TCSVMGVLKAIRDAGICAEANSQYEVRKCLEIGFRGDQIVFNGVVKKPADLEYAIANDLYLINVDSLYELEHIDA
ISRKLKKVANVCVRVEPNVPSATHAELVTAFHAKSGLDLEQAEETCRRILAMPYVHLRGLHMHVGDQVPESEPFAKATKV
LVDESRRLEEVLGIKFDLINVGGGIPVPYKYDDENGDPLKDNMYAGITAQDFADAVIREVHKWRTDVEICIEPGRKVTGS
AAVLLTEVSCEKRKTNYDLNGNVECHVEWKFVDAGYSVLSDSQHFDWFFYVYNASRMTAAHDAWIKLAGPLSDGGDYFHM
GVKGEEFLLPKETHVGDIVAFLDAGAYTIESQTVYNNRPRTGVVMIDKNGDTRLIRREDSYEDMVKYDIYLLAAALEHHH
HHH
;
_entity_poly.pdbx_strand_id   A
#
# COMPACT_ATOMS: atom_id res chain seq x y z
N MET A 1 -14.78 29.22 6.13
CA MET A 1 -15.99 29.17 7.01
C MET A 1 -16.21 27.74 7.51
N THR A 2 -16.32 27.59 8.84
CA THR A 2 -16.55 26.26 9.41
C THR A 2 -17.89 25.71 8.96
N ASP A 3 -18.95 26.53 8.96
CA ASP A 3 -20.24 26.06 8.48
C ASP A 3 -20.11 25.49 7.08
N SER A 4 -19.38 26.19 6.19
CA SER A 4 -19.15 25.70 4.84
C SER A 4 -18.33 24.43 4.85
N ILE A 5 -17.30 24.38 5.69
CA ILE A 5 -16.51 23.16 5.81
C ILE A 5 -17.39 22.02 6.30
N MET A 6 -18.24 22.32 7.30
CA MET A 6 -19.16 21.32 7.81
C MET A 6 -20.17 20.91 6.75
N GLN A 7 -20.71 21.88 6.01
CA GLN A 7 -21.64 21.54 4.93
C GLN A 7 -20.98 20.60 3.92
N ASN A 8 -19.77 20.95 3.47
CA ASN A 8 -19.07 20.14 2.49
C ASN A 8 -18.77 18.74 3.02
N TYR A 9 -18.34 18.64 4.28
CA TYR A 9 -18.05 17.32 4.82
C TYR A 9 -19.29 16.46 4.85
N ASN A 10 -20.46 17.05 5.16
CA ASN A 10 -21.66 16.23 5.18
C ASN A 10 -22.18 15.90 3.79
N GLN A 11 -21.88 16.74 2.79
CA GLN A 11 -22.12 16.32 1.41
C GLN A 11 -21.28 15.08 1.08
N LEU A 12 -19.99 15.08 1.50
CA LEU A 12 -19.16 13.92 1.28
C LEU A 12 -19.71 12.70 2.02
N ARG A 13 -20.20 12.90 3.26
CA ARG A 13 -20.74 11.77 3.99
C ARG A 13 -21.91 11.16 3.25
N GLU A 14 -22.82 12.00 2.75
CA GLU A 14 -23.96 11.48 2.03
C GLU A 14 -23.53 10.78 0.75
N GLN A 15 -22.45 11.25 0.11
CA GLN A 15 -21.95 10.59 -1.09
C GLN A 15 -21.36 9.23 -0.76
N VAL A 16 -20.82 9.05 0.45
CA VAL A 16 -20.33 7.73 0.84
C VAL A 16 -21.48 6.73 0.82
N ILE A 17 -22.60 7.09 1.45
CA ILE A 17 -23.69 6.14 1.60
C ILE A 17 -24.69 6.22 0.45
N ASN A 18 -24.56 7.22 -0.44
CA ASN A 18 -25.40 7.34 -1.63
C ASN A 18 -24.55 7.86 -2.79
N GLY A 19 -23.71 6.97 -3.33
CA GLY A 19 -22.91 7.28 -4.49
C GLY A 19 -21.66 6.42 -4.63
N ASP A 20 -21.17 5.90 -3.52
CA ASP A 20 -19.91 5.16 -3.50
C ASP A 20 -20.16 3.69 -3.82
N ARG A 21 -19.35 3.12 -4.72
CA ARG A 21 -19.54 1.73 -5.11
C ARG A 21 -19.31 0.76 -3.95
N ARG A 22 -18.63 1.20 -2.89
CA ARG A 22 -18.29 0.30 -1.79
C ARG A 22 -19.33 0.25 -0.68
N PHE A 23 -20.11 1.30 -0.52
CA PHE A 23 -20.84 1.52 0.73
C PHE A 23 -22.34 1.75 0.53
N GLN A 24 -23.10 1.43 1.58
CA GLN A 24 -24.53 1.63 1.67
C GLN A 24 -24.83 2.00 3.12
N HIS A 25 -26.11 2.11 3.46
CA HIS A 25 -26.51 2.31 4.85
C HIS A 25 -27.67 1.39 5.17
N LYS A 26 -27.70 0.94 6.42
CA LYS A 26 -28.76 0.06 6.92
C LYS A 26 -28.86 0.24 8.43
N ASP A 27 -30.08 0.37 8.94
CA ASP A 27 -30.29 0.51 10.37
C ASP A 27 -29.52 1.69 10.94
N GLY A 28 -29.33 2.72 10.12
CA GLY A 28 -28.56 3.90 10.47
C GLY A 28 -27.06 3.68 10.42
N HIS A 29 -26.59 2.52 9.99
CA HIS A 29 -25.17 2.16 10.05
C HIS A 29 -24.52 2.13 8.69
N LEU A 30 -23.24 2.47 8.66
CA LEU A 30 -22.43 2.28 7.45
C LEU A 30 -22.31 0.81 7.12
N CYS A 31 -22.55 0.46 5.84
CA CYS A 31 -22.37 -0.88 5.32
C CYS A 31 -21.30 -0.87 4.24
N PHE A 32 -20.54 -1.95 4.19
CA PHE A 32 -19.43 -2.16 3.25
C PHE A 32 -19.75 -3.46 2.54
N GLU A 33 -19.99 -3.38 1.23
CA GLU A 33 -20.38 -4.57 0.46
C GLU A 33 -21.58 -5.28 1.10
N GLY A 34 -22.50 -4.48 1.64
CA GLY A 34 -23.69 -4.96 2.29
C GLY A 34 -23.52 -5.45 3.72
N VAL A 35 -22.31 -5.38 4.27
CA VAL A 35 -22.03 -5.82 5.64
C VAL A 35 -22.18 -4.61 6.55
N ASP A 36 -23.08 -4.70 7.53
CA ASP A 36 -23.25 -3.66 8.54
C ASP A 36 -22.01 -3.63 9.41
N LEU A 37 -21.28 -2.51 9.36
CA LEU A 37 -20.00 -2.42 10.08
C LEU A 37 -20.18 -2.21 11.58
N ASP A 38 -21.30 -1.65 12.01
CA ASP A 38 -21.55 -1.61 13.44
C ASP A 38 -21.76 -3.03 13.96
N ALA A 39 -22.61 -3.80 13.28
CA ALA A 39 -22.84 -5.18 13.70
C ALA A 39 -21.55 -5.99 13.65
N LEU A 40 -20.75 -5.81 12.60
CA LEU A 40 -19.51 -6.57 12.51
C LEU A 40 -18.60 -6.27 13.71
N ALA A 41 -18.57 -5.01 14.16
CA ALA A 41 -17.71 -4.60 15.27
C ALA A 41 -18.27 -5.01 16.62
N ARG A 42 -19.48 -5.54 16.67
CA ARG A 42 -19.96 -6.25 17.85
C ARG A 42 -19.61 -7.72 17.81
N GLN A 43 -19.28 -8.25 16.63
N GLN A 43 -19.27 -8.24 16.63
CA GLN A 43 -18.89 -9.65 16.54
CA GLN A 43 -18.90 -9.64 16.48
C GLN A 43 -17.41 -9.84 16.81
C GLN A 43 -17.42 -9.88 16.69
N TYR A 44 -16.58 -8.91 16.35
CA TYR A 44 -15.14 -9.00 16.56
C TYR A 44 -14.66 -7.86 17.46
N PRO A 45 -13.70 -8.13 18.35
CA PRO A 45 -13.15 -7.07 19.20
C PRO A 45 -12.45 -5.97 18.40
N THR A 46 -12.75 -4.75 18.75
CA THR A 46 -12.09 -3.61 18.15
C THR A 46 -10.79 -3.32 18.87
N PRO A 47 -9.85 -2.63 18.19
CA PRO A 47 -9.95 -2.20 16.78
C PRO A 47 -9.59 -3.34 15.85
N PHE A 48 -10.13 -3.32 14.63
CA PHE A 48 -9.71 -4.26 13.61
C PHE A 48 -9.94 -3.65 12.24
N TYR A 49 -9.24 -4.20 11.26
CA TYR A 49 -9.40 -3.83 9.86
C TYR A 49 -10.30 -4.84 9.15
N VAL A 50 -11.16 -4.33 8.29
CA VAL A 50 -12.01 -5.18 7.45
C VAL A 50 -11.69 -4.87 5.99
N PHE A 51 -11.26 -5.90 5.26
CA PHE A 51 -10.98 -5.80 3.84
C PHE A 51 -12.15 -6.30 3.01
N SER A 52 -12.23 -5.78 1.79
CA SER A 52 -13.25 -6.15 0.80
C SER A 52 -12.57 -6.82 -0.39
N GLU A 53 -12.80 -8.12 -0.54
CA GLU A 53 -12.38 -8.78 -1.77
C GLU A 53 -13.05 -8.17 -2.99
N PRO A 54 -14.34 -7.81 -2.97
CA PRO A 54 -14.92 -7.14 -4.14
C PRO A 54 -14.19 -5.86 -4.55
N GLU A 55 -13.76 -5.04 -3.59
CA GLU A 55 -13.14 -3.77 -3.96
C GLU A 55 -11.73 -4.01 -4.49
N ILE A 56 -11.00 -4.98 -3.91
CA ILE A 56 -9.70 -5.35 -4.47
C ILE A 56 -9.87 -5.70 -5.94
N ILE A 57 -10.88 -6.51 -6.23
CA ILE A 57 -11.14 -6.92 -7.61
C ILE A 57 -11.46 -5.73 -8.50
N ARG A 58 -12.27 -4.79 -8.00
CA ARG A 58 -12.54 -3.60 -8.80
C ARG A 58 -11.29 -2.80 -9.08
N ASN A 59 -10.39 -2.69 -8.10
CA ASN A 59 -9.17 -1.91 -8.27
C ASN A 59 -8.28 -2.57 -9.30
N ILE A 60 -8.18 -3.90 -9.23
CA ILE A 60 -7.37 -4.63 -10.20
C ILE A 60 -7.95 -4.45 -11.59
N HIS A 61 -9.28 -4.47 -11.71
N HIS A 61 -9.29 -4.41 -11.70
CA HIS A 61 -9.92 -4.22 -13.01
CA HIS A 61 -9.94 -4.15 -12.98
C HIS A 61 -9.59 -2.84 -13.55
C HIS A 61 -9.54 -2.78 -13.53
N GLU A 62 -9.58 -1.82 -12.69
N GLU A 62 -9.57 -1.74 -12.69
CA GLU A 62 -9.18 -0.48 -13.13
CA GLU A 62 -9.15 -0.42 -13.18
C GLU A 62 -7.77 -0.52 -13.74
C GLU A 62 -7.74 -0.47 -13.73
N ILE A 63 -6.85 -1.17 -13.04
CA ILE A 63 -5.46 -1.21 -13.46
C ILE A 63 -5.34 -1.93 -14.80
N GLN A 64 -5.92 -3.13 -14.90
CA GLN A 64 -5.77 -3.91 -16.12
C GLN A 64 -6.49 -3.27 -17.28
N GLN A 65 -7.69 -2.73 -17.03
CA GLN A 65 -8.40 -2.04 -18.11
C GLN A 65 -7.58 -0.85 -18.60
N ALA A 66 -6.86 -0.18 -17.70
CA ALA A 66 -6.05 0.96 -18.14
C ALA A 66 -5.01 0.55 -19.17
N PHE A 67 -4.53 -0.69 -19.10
CA PHE A 67 -3.48 -1.16 -20.00
C PHE A 67 -4.02 -1.90 -21.22
N ALA A 68 -5.28 -1.67 -21.60
CA ALA A 68 -5.86 -2.41 -22.72
C ALA A 68 -5.11 -2.18 -24.04
N ALA A 69 -4.51 -1.00 -24.23
CA ALA A 69 -3.77 -0.72 -25.45
C ALA A 69 -2.47 -1.51 -25.57
N HIS A 70 -2.06 -2.22 -24.52
CA HIS A 70 -0.84 -3.02 -24.56
C HIS A 70 -1.16 -4.42 -24.04
N LYS A 71 -1.27 -5.39 -24.95
CA LYS A 71 -1.71 -6.73 -24.56
CA LYS A 71 -1.73 -6.71 -24.53
C LYS A 71 -0.70 -7.41 -23.64
N ASN A 72 0.60 -7.27 -23.91
N ASN A 72 0.58 -7.27 -23.97
CA ASN A 72 1.60 -7.98 -23.11
CA ASN A 72 1.63 -8.00 -23.27
C ASN A 72 1.99 -7.15 -21.89
C ASN A 72 2.05 -7.21 -22.03
N THR A 73 1.04 -7.01 -20.96
N THR A 73 1.13 -7.13 -21.08
CA THR A 73 1.27 -6.33 -19.70
CA THR A 73 1.39 -6.52 -19.79
C THR A 73 1.14 -7.32 -18.55
C THR A 73 1.37 -7.60 -18.72
N LYS A 74 2.13 -7.35 -17.66
CA LYS A 74 2.15 -8.25 -16.52
C LYS A 74 2.13 -7.39 -15.27
N THR A 75 1.23 -7.70 -14.35
CA THR A 75 0.93 -6.84 -13.21
C THR A 75 1.34 -7.57 -11.94
N PHE A 76 2.26 -6.97 -11.17
CA PHE A 76 2.79 -7.55 -9.94
C PHE A 76 2.39 -6.68 -8.75
N PHE A 77 1.53 -7.20 -7.89
CA PHE A 77 1.13 -6.47 -6.69
C PHE A 77 2.32 -6.30 -5.74
N ALA A 78 2.63 -5.07 -5.38
CA ALA A 78 3.76 -4.79 -4.48
C ALA A 78 3.35 -5.19 -3.06
N SER A 79 3.83 -6.35 -2.65
N SER A 79 3.81 -6.35 -2.63
CA SER A 79 3.40 -7.02 -1.41
CA SER A 79 3.26 -6.94 -1.41
C SER A 79 3.66 -6.23 -0.14
C SER A 79 3.69 -6.26 -0.11
N THR A 81 2.78 -3.49 0.46
CA THR A 81 1.55 -2.72 0.73
C THR A 81 0.67 -3.45 1.75
N CYS A 82 0.59 -4.76 1.62
CA CYS A 82 -0.19 -5.60 2.51
C CYS A 82 0.07 -7.05 2.16
N SER A 83 0.54 -7.84 3.11
CA SER A 83 0.85 -9.23 2.84
C SER A 83 0.13 -10.19 3.79
N VAL A 84 -0.97 -9.77 4.41
CA VAL A 84 -1.81 -10.74 5.10
C VAL A 84 -2.17 -11.82 4.11
N MET A 85 -2.04 -13.08 4.52
CA MET A 85 -2.16 -14.17 3.55
C MET A 85 -3.51 -14.15 2.84
N GLY A 86 -4.61 -13.89 3.56
CA GLY A 86 -5.90 -13.88 2.89
C GLY A 86 -6.04 -12.74 1.89
N VAL A 87 -5.34 -11.63 2.13
CA VAL A 87 -5.30 -10.55 1.14
C VAL A 87 -4.49 -10.98 -0.08
N LEU A 88 -3.31 -11.58 0.13
CA LEU A 88 -2.56 -12.10 -1.00
C LEU A 88 -3.37 -13.12 -1.78
N LYS A 89 -4.15 -13.96 -1.08
CA LYS A 89 -4.94 -14.98 -1.77
C LYS A 89 -6.00 -14.35 -2.66
N ALA A 90 -6.65 -13.29 -2.16
CA ALA A 90 -7.64 -12.58 -2.98
C ALA A 90 -6.98 -12.00 -4.23
N ILE A 91 -5.74 -11.55 -4.11
N ILE A 91 -5.78 -11.47 -4.08
CA ILE A 91 -5.01 -11.02 -5.26
CA ILE A 91 -5.10 -10.85 -5.21
C ILE A 91 -4.68 -12.14 -6.25
C ILE A 91 -4.65 -11.90 -6.21
N ARG A 92 -4.08 -13.22 -5.76
N ARG A 92 -4.18 -13.05 -5.71
CA ARG A 92 -3.77 -14.35 -6.64
CA ARG A 92 -3.82 -14.17 -6.57
C ARG A 92 -5.01 -14.85 -7.35
C ARG A 92 -5.04 -14.67 -7.34
N ASP A 93 -6.15 -14.92 -6.63
CA ASP A 93 -7.37 -15.41 -7.26
C ASP A 93 -7.95 -14.40 -8.24
N ALA A 94 -7.61 -13.12 -8.12
CA ALA A 94 -8.06 -12.11 -9.07
C ALA A 94 -7.22 -12.10 -10.35
N GLY A 95 -6.14 -12.86 -10.38
CA GLY A 95 -5.44 -13.16 -11.62
C GLY A 95 -4.15 -12.42 -11.90
N ILE A 96 -3.58 -11.71 -10.92
CA ILE A 96 -2.33 -11.02 -11.17
C ILE A 96 -1.18 -11.67 -10.42
N CYS A 97 -0.01 -11.05 -10.51
CA CYS A 97 1.23 -11.59 -9.97
C CYS A 97 1.63 -10.79 -8.72
N ALA A 98 2.84 -11.06 -8.22
CA ALA A 98 3.31 -10.52 -6.95
C ALA A 98 4.75 -10.00 -7.02
N GLU A 99 4.96 -8.84 -6.44
CA GLU A 99 6.28 -8.31 -6.19
C GLU A 99 6.57 -8.41 -4.70
N ALA A 100 7.79 -8.78 -4.40
CA ALA A 100 8.23 -9.10 -3.05
C ALA A 100 9.49 -8.32 -2.74
N ASN A 101 9.67 -8.01 -1.46
CA ASN A 101 10.65 -7.04 -1.02
C ASN A 101 11.57 -7.57 0.07
N SER A 102 11.56 -8.88 0.32
CA SER A 102 12.42 -9.54 1.27
C SER A 102 12.31 -11.03 1.00
N GLN A 103 13.26 -11.78 1.56
CA GLN A 103 13.20 -13.24 1.49
C GLN A 103 11.86 -13.77 2.03
N TYR A 104 11.40 -13.25 3.17
CA TYR A 104 10.18 -13.82 3.72
C TYR A 104 8.95 -13.41 2.91
N GLU A 105 8.95 -12.24 2.28
CA GLU A 105 7.87 -11.92 1.35
C GLU A 105 7.87 -12.88 0.18
N VAL A 106 9.05 -13.18 -0.38
CA VAL A 106 9.10 -14.18 -1.45
C VAL A 106 8.48 -15.49 -0.97
N ARG A 107 8.89 -15.94 0.22
CA ARG A 107 8.41 -17.20 0.73
C ARG A 107 6.90 -17.19 0.93
N LYS A 108 6.34 -16.10 1.46
CA LYS A 108 4.90 -16.03 1.70
CA LYS A 108 4.91 -16.15 1.71
C LYS A 108 4.12 -16.08 0.40
N CYS A 109 4.66 -15.42 -0.63
CA CYS A 109 4.00 -15.42 -1.94
C CYS A 109 4.00 -16.81 -2.55
N LEU A 110 5.12 -17.50 -2.44
CA LEU A 110 5.15 -18.89 -2.87
C LEU A 110 4.18 -19.74 -2.06
N GLU A 111 4.15 -19.56 -0.73
N GLU A 111 4.11 -19.53 -0.74
CA GLU A 111 3.30 -20.40 0.10
CA GLU A 111 3.31 -20.40 0.11
C GLU A 111 1.83 -20.23 -0.29
C GLU A 111 1.81 -20.15 -0.02
N ILE A 112 1.39 -18.99 -0.52
CA ILE A 112 -0.02 -18.74 -0.77
C ILE A 112 -0.41 -19.09 -2.19
N GLY A 113 0.54 -19.47 -3.03
CA GLY A 113 0.24 -20.04 -4.34
C GLY A 113 0.68 -19.25 -5.55
N PHE A 114 1.39 -18.13 -5.38
CA PHE A 114 2.04 -17.53 -6.54
C PHE A 114 3.19 -18.44 -6.98
N ARG A 115 3.26 -18.73 -8.27
CA ARG A 115 4.37 -19.50 -8.79
C ARG A 115 5.63 -18.64 -8.84
N GLY A 116 6.79 -19.29 -8.92
CA GLY A 116 8.02 -18.54 -9.11
C GLY A 116 7.95 -17.59 -10.30
N ASP A 117 7.35 -18.04 -11.40
CA ASP A 117 7.24 -17.22 -12.59
C ASP A 117 6.22 -16.09 -12.46
N GLN A 118 5.60 -15.95 -11.29
CA GLN A 118 4.71 -14.83 -11.01
C GLN A 118 5.28 -13.91 -9.94
N ILE A 119 6.57 -14.01 -9.63
CA ILE A 119 7.14 -13.23 -8.54
C ILE A 119 8.36 -12.44 -9.02
N VAL A 120 8.43 -11.17 -8.60
N VAL A 120 8.40 -11.15 -8.65
CA VAL A 120 9.59 -10.30 -8.87
CA VAL A 120 9.55 -10.27 -8.83
C VAL A 120 10.13 -9.82 -7.53
C VAL A 120 10.09 -9.98 -7.44
N PHE A 121 11.40 -10.13 -7.26
CA PHE A 121 12.06 -9.84 -5.98
C PHE A 121 12.93 -8.61 -6.18
N ASN A 122 12.57 -7.53 -5.51
CA ASN A 122 13.32 -6.28 -5.52
C ASN A 122 13.98 -5.99 -4.18
N GLY A 123 15.04 -5.19 -4.22
CA GLY A 123 15.64 -4.75 -2.99
C GLY A 123 16.99 -4.10 -3.17
N VAL A 124 17.38 -3.32 -2.20
CA VAL A 124 18.71 -2.71 -2.15
C VAL A 124 19.70 -3.55 -1.34
N VAL A 125 19.20 -4.43 -0.48
CA VAL A 125 20.04 -5.30 0.36
C VAL A 125 19.50 -6.71 0.19
N LYS A 126 20.07 -7.43 -0.77
CA LYS A 126 19.73 -8.83 -1.02
CA LYS A 126 19.72 -8.82 -1.01
C LYS A 126 20.97 -9.62 -0.64
N LYS A 127 20.98 -10.12 0.59
CA LYS A 127 22.16 -10.83 1.07
C LYS A 127 22.30 -12.17 0.34
N PRO A 128 23.47 -12.79 0.41
CA PRO A 128 23.63 -14.11 -0.22
C PRO A 128 22.51 -15.10 0.13
N ALA A 129 22.08 -15.19 1.38
CA ALA A 129 21.02 -16.14 1.70
C ALA A 129 19.72 -15.76 0.99
N ASP A 130 19.43 -14.46 0.88
CA ASP A 130 18.23 -14.02 0.16
C ASP A 130 18.32 -14.40 -1.31
N LEU A 131 19.47 -14.16 -1.94
CA LEU A 131 19.62 -14.43 -3.36
C LEU A 131 19.56 -15.92 -3.63
N GLU A 132 20.17 -16.72 -2.76
CA GLU A 132 20.14 -18.17 -2.93
C GLU A 132 18.71 -18.69 -2.88
N TYR A 133 17.91 -18.19 -1.93
CA TYR A 133 16.52 -18.62 -1.84
C TYR A 133 15.75 -18.22 -3.10
N ALA A 134 15.94 -16.99 -3.56
CA ALA A 134 15.23 -16.52 -4.74
C ALA A 134 15.64 -17.31 -6.00
N ILE A 135 16.95 -17.48 -6.20
CA ILE A 135 17.40 -18.17 -7.41
C ILE A 135 16.95 -19.63 -7.40
N ALA A 136 16.99 -20.28 -6.23
CA ALA A 136 16.56 -21.66 -6.14
C ALA A 136 15.10 -21.84 -6.48
N ASN A 137 14.28 -20.79 -6.32
CA ASN A 137 12.86 -20.87 -6.58
C ASN A 137 12.46 -20.28 -7.92
N ASP A 138 13.42 -20.04 -8.81
CA ASP A 138 13.13 -19.77 -10.22
C ASP A 138 12.20 -18.57 -10.39
N LEU A 139 12.55 -17.48 -9.71
CA LEU A 139 11.70 -16.30 -9.76
C LEU A 139 11.73 -15.66 -11.14
N TYR A 140 10.61 -15.03 -11.50
CA TYR A 140 10.49 -14.41 -12.82
C TYR A 140 11.54 -13.32 -12.99
N LEU A 141 11.75 -12.52 -11.93
CA LEU A 141 12.75 -11.47 -11.94
C LEU A 141 13.33 -11.30 -10.54
N ILE A 142 14.63 -11.07 -10.50
CA ILE A 142 15.33 -10.52 -9.35
C ILE A 142 15.93 -9.23 -9.87
N ASN A 143 15.65 -8.10 -9.23
CA ASN A 143 16.26 -6.90 -9.75
C ASN A 143 17.74 -6.80 -9.34
N VAL A 144 18.49 -6.08 -10.15
CA VAL A 144 19.89 -5.81 -9.88
C VAL A 144 19.94 -4.35 -9.50
N ASP A 145 20.27 -4.08 -8.24
CA ASP A 145 20.23 -2.75 -7.66
C ASP A 145 21.62 -2.11 -7.55
N SER A 146 22.68 -2.92 -7.57
CA SER A 146 24.03 -2.41 -7.42
C SER A 146 25.02 -3.40 -8.01
N LEU A 147 26.20 -2.89 -8.32
CA LEU A 147 27.26 -3.74 -8.85
C LEU A 147 27.73 -4.73 -7.79
N TYR A 148 27.75 -4.32 -6.52
CA TYR A 148 28.14 -5.22 -5.45
C TYR A 148 27.22 -6.42 -5.42
N GLU A 149 25.92 -6.18 -5.41
CA GLU A 149 24.95 -7.26 -5.37
C GLU A 149 25.10 -8.16 -6.60
N LEU A 150 25.36 -7.57 -7.77
CA LEU A 150 25.49 -8.36 -8.99
C LEU A 150 26.58 -9.43 -8.86
N GLU A 151 27.67 -9.13 -8.14
CA GLU A 151 28.71 -10.15 -7.96
C GLU A 151 28.17 -11.37 -7.20
N HIS A 152 27.31 -11.14 -6.21
CA HIS A 152 26.70 -12.26 -5.50
C HIS A 152 25.75 -13.04 -6.40
N ILE A 153 25.01 -12.34 -7.27
CA ILE A 153 24.10 -13.05 -8.17
C ILE A 153 24.90 -13.96 -9.10
N ASP A 154 26.02 -13.46 -9.64
CA ASP A 154 26.87 -14.28 -10.50
C ASP A 154 27.40 -15.50 -9.74
N ALA A 155 27.99 -15.26 -8.58
CA ALA A 155 28.59 -16.36 -7.84
C ALA A 155 27.57 -17.41 -7.43
N ILE A 156 26.39 -16.98 -6.98
CA ILE A 156 25.41 -17.92 -6.43
C ILE A 156 24.70 -18.68 -7.53
N SER A 157 24.35 -18.00 -8.63
CA SER A 157 23.81 -18.70 -9.78
C SER A 157 24.76 -19.76 -10.30
N ARG A 158 26.07 -19.48 -10.30
CA ARG A 158 27.05 -20.48 -10.69
C ARG A 158 27.04 -21.65 -9.71
N LYS A 159 26.92 -21.36 -8.41
CA LYS A 159 26.97 -22.41 -7.40
C LYS A 159 25.78 -23.37 -7.53
N LEU A 160 24.59 -22.82 -7.75
CA LEU A 160 23.37 -23.61 -7.87
C LEU A 160 23.18 -24.21 -9.26
N LYS A 161 23.93 -23.76 -10.24
CA LYS A 161 23.69 -24.16 -11.63
CA LYS A 161 23.69 -24.16 -11.63
C LYS A 161 22.22 -23.94 -11.98
N LYS A 162 21.73 -22.75 -11.69
CA LYS A 162 20.36 -22.35 -11.98
CA LYS A 162 20.36 -22.35 -11.99
C LYS A 162 20.39 -20.93 -12.49
N VAL A 163 19.66 -20.67 -13.57
CA VAL A 163 19.66 -19.33 -14.16
C VAL A 163 18.89 -18.38 -13.26
N ALA A 164 19.49 -17.23 -12.97
CA ALA A 164 18.84 -16.11 -12.31
C ALA A 164 18.36 -15.14 -13.37
N ASN A 165 17.07 -14.88 -13.39
CA ASN A 165 16.49 -13.93 -14.33
C ASN A 165 16.49 -12.56 -13.70
N VAL A 166 17.06 -11.58 -14.38
CA VAL A 166 17.26 -10.27 -13.77
C VAL A 166 16.78 -9.12 -14.63
N CYS A 167 16.43 -8.03 -13.95
CA CYS A 167 16.19 -6.73 -14.56
CA CYS A 167 16.19 -6.74 -14.55
C CYS A 167 17.08 -5.73 -13.84
N VAL A 168 17.73 -4.86 -14.58
CA VAL A 168 18.68 -3.90 -14.02
C VAL A 168 17.95 -2.63 -13.65
N ARG A 169 17.93 -2.27 -12.36
CA ARG A 169 17.24 -1.06 -11.93
C ARG A 169 18.10 0.14 -12.21
N VAL A 170 17.56 1.09 -12.95
CA VAL A 170 18.23 2.33 -13.33
C VAL A 170 17.35 3.46 -12.84
N GLU A 171 17.90 4.35 -12.04
CA GLU A 171 17.07 5.45 -11.57
C GLU A 171 17.45 6.72 -12.29
N PRO A 172 16.57 7.23 -13.17
CA PRO A 172 16.92 8.40 -13.98
C PRO A 172 17.04 9.66 -13.14
N ASN A 173 17.92 10.56 -13.57
CA ASN A 173 17.99 11.91 -13.01
C ASN A 173 17.02 12.78 -13.80
N VAL A 174 15.77 12.80 -13.37
CA VAL A 174 14.75 13.63 -14.01
C VAL A 174 14.70 15.01 -13.35
N VAL A 183 18.15 16.03 -6.11
CA VAL A 183 19.24 15.35 -6.79
C VAL A 183 19.12 13.84 -6.58
N THR A 184 19.00 13.09 -7.69
CA THR A 184 18.83 11.65 -7.58
C THR A 184 20.03 11.01 -6.89
N ALA A 185 21.23 11.54 -7.11
CA ALA A 185 22.40 10.97 -6.44
C ALA A 185 22.26 11.06 -4.92
N PHE A 186 21.76 12.19 -4.41
CA PHE A 186 21.69 12.42 -2.98
C PHE A 186 20.43 11.84 -2.35
N HIS A 187 19.32 11.84 -3.08
CA HIS A 187 18.02 11.52 -2.50
C HIS A 187 17.48 10.16 -2.91
N ALA A 188 18.13 9.47 -3.85
CA ALA A 188 17.67 8.16 -4.31
C ALA A 188 18.71 7.09 -4.01
N LYS A 189 18.45 6.27 -3.01
CA LYS A 189 19.38 5.20 -2.68
C LYS A 189 19.33 4.04 -3.66
N SER A 190 18.24 3.90 -4.41
CA SER A 190 18.00 2.69 -5.17
C SER A 190 18.51 2.81 -6.59
N GLY A 191 18.86 1.65 -7.16
CA GLY A 191 19.19 1.54 -8.56
C GLY A 191 20.59 1.99 -8.87
N LEU A 192 20.94 1.78 -10.13
CA LEU A 192 22.17 2.26 -10.71
C LEU A 192 21.93 3.57 -11.45
N ASP A 193 23.02 4.28 -11.68
CA ASP A 193 22.97 5.46 -12.53
C ASP A 193 22.78 5.01 -13.97
N LEU A 194 22.11 5.86 -14.75
CA LEU A 194 21.94 5.58 -16.17
C LEU A 194 23.29 5.29 -16.82
N GLU A 195 24.31 6.05 -16.44
CA GLU A 195 25.64 5.89 -17.00
C GLU A 195 26.22 4.49 -16.77
N GLN A 196 25.72 3.76 -15.79
CA GLN A 196 26.25 2.43 -15.46
C GLN A 196 25.49 1.31 -16.14
N ALA A 197 24.40 1.61 -16.85
CA ALA A 197 23.55 0.55 -17.36
C ALA A 197 24.27 -0.28 -18.41
N GLU A 198 25.02 0.36 -19.30
CA GLU A 198 25.63 -0.36 -20.42
C GLU A 198 26.64 -1.40 -19.93
N GLU A 199 27.59 -1.00 -19.09
CA GLU A 199 28.60 -1.96 -18.67
C GLU A 199 27.96 -3.06 -17.81
N THR A 200 26.97 -2.70 -17.00
CA THR A 200 26.28 -3.70 -16.17
C THR A 200 25.60 -4.74 -17.04
N CYS A 201 24.87 -4.28 -18.07
CA CYS A 201 24.24 -5.20 -18.99
C CYS A 201 25.28 -6.02 -19.74
N ARG A 202 26.34 -5.38 -20.20
CA ARG A 202 27.38 -6.11 -20.93
CA ARG A 202 27.36 -6.12 -20.93
C ARG A 202 27.92 -7.24 -20.07
N ARG A 203 28.10 -6.99 -18.77
CA ARG A 203 28.67 -7.99 -17.88
C ARG A 203 27.69 -9.13 -17.63
N ILE A 204 26.40 -8.82 -17.51
CA ILE A 204 25.42 -9.87 -17.29
C ILE A 204 25.34 -10.80 -18.49
N LEU A 205 25.38 -10.25 -19.70
CA LEU A 205 25.33 -11.10 -20.89
C LEU A 205 26.45 -12.14 -20.85
N ALA A 206 27.60 -11.78 -20.33
CA ALA A 206 28.74 -12.69 -20.26
C ALA A 206 28.63 -13.72 -19.13
N MET A 207 27.69 -13.55 -18.21
CA MET A 207 27.57 -14.49 -17.11
C MET A 207 26.78 -15.73 -17.54
N PRO A 208 27.26 -16.92 -17.22
CA PRO A 208 26.61 -18.15 -17.72
C PRO A 208 25.24 -18.42 -17.13
N TYR A 209 24.98 -18.06 -15.88
CA TYR A 209 23.72 -18.40 -15.23
CA TYR A 209 23.74 -18.39 -15.20
C TYR A 209 22.94 -17.15 -14.79
N VAL A 210 23.16 -16.04 -15.46
CA VAL A 210 22.34 -14.84 -15.24
C VAL A 210 21.78 -14.43 -16.59
N HIS A 211 20.46 -14.27 -16.64
CA HIS A 211 19.75 -13.95 -17.88
C HIS A 211 19.19 -12.54 -17.75
N LEU A 212 19.68 -11.63 -18.58
CA LEU A 212 19.21 -10.24 -18.60
C LEU A 212 17.89 -10.12 -19.34
N ARG A 213 16.87 -9.63 -18.65
N ARG A 213 16.87 -9.64 -18.65
CA ARG A 213 15.54 -9.54 -19.22
CA ARG A 213 15.53 -9.53 -19.23
C ARG A 213 15.10 -8.13 -19.56
C ARG A 213 15.15 -8.11 -19.61
N GLY A 214 15.72 -7.11 -18.98
CA GLY A 214 15.32 -5.74 -19.23
C GLY A 214 15.76 -4.83 -18.12
N LEU A 215 15.27 -3.60 -18.19
CA LEU A 215 15.56 -2.56 -17.22
C LEU A 215 14.35 -2.32 -16.35
N HIS A 216 14.60 -1.73 -15.19
CA HIS A 216 13.57 -1.49 -14.18
C HIS A 216 13.73 -0.10 -13.60
N MET A 217 12.61 0.54 -13.29
CA MET A 217 12.60 1.74 -12.47
CA MET A 217 12.62 1.73 -12.44
C MET A 217 11.34 1.73 -11.62
N HIS A 218 11.33 2.58 -10.61
CA HIS A 218 10.13 2.82 -9.81
C HIS A 218 10.20 4.27 -9.37
N VAL A 219 9.19 5.05 -9.77
N VAL A 219 9.20 5.08 -9.74
CA VAL A 219 9.20 6.50 -9.56
CA VAL A 219 9.33 6.51 -9.52
C VAL A 219 9.01 6.87 -8.10
C VAL A 219 8.98 6.92 -8.09
N GLY A 220 8.09 6.21 -7.41
CA GLY A 220 7.72 6.57 -6.06
C GLY A 220 6.27 6.23 -5.79
N ASP A 221 5.73 6.83 -4.74
CA ASP A 221 4.45 6.44 -4.16
C ASP A 221 3.50 7.63 -4.15
N GLN A 222 2.22 7.36 -4.43
CA GLN A 222 1.18 8.40 -4.42
C GLN A 222 1.62 9.60 -5.28
N VAL A 223 1.96 9.30 -6.52
CA VAL A 223 2.52 10.29 -7.42
C VAL A 223 1.38 11.10 -8.02
N PRO A 224 1.36 12.43 -7.87
CA PRO A 224 0.18 13.20 -8.26
C PRO A 224 0.19 13.74 -9.68
N GLU A 225 1.14 13.35 -10.54
CA GLU A 225 1.12 13.84 -11.90
C GLU A 225 1.63 12.74 -12.80
N SER A 226 1.27 12.84 -14.09
N SER A 226 1.27 12.82 -14.09
CA SER A 226 1.68 11.85 -15.08
CA SER A 226 1.71 11.81 -15.04
C SER A 226 3.08 12.09 -15.59
C SER A 226 3.11 12.09 -15.57
N GLU A 227 3.51 13.36 -15.62
CA GLU A 227 4.82 13.69 -16.18
C GLU A 227 5.98 12.90 -15.60
N PRO A 228 6.10 12.69 -14.29
CA PRO A 228 7.25 11.92 -13.79
C PRO A 228 7.32 10.53 -14.40
N PHE A 229 6.15 9.91 -14.61
CA PHE A 229 6.15 8.57 -15.20
C PHE A 229 6.54 8.65 -16.66
N ALA A 230 6.02 9.64 -17.38
CA ALA A 230 6.36 9.77 -18.79
C ALA A 230 7.85 10.03 -18.96
N LYS A 231 8.38 11.00 -18.21
CA LYS A 231 9.79 11.35 -18.36
C LYS A 231 10.70 10.20 -17.99
N ALA A 232 10.43 9.54 -16.85
CA ALA A 232 11.29 8.46 -16.38
C ALA A 232 11.20 7.25 -17.31
N THR A 233 9.98 6.92 -17.76
CA THR A 233 9.84 5.83 -18.70
C THR A 233 10.61 6.13 -19.99
N LYS A 234 10.53 7.37 -20.46
CA LYS A 234 11.25 7.70 -21.69
C LYS A 234 12.76 7.45 -21.53
N VAL A 235 13.32 7.83 -20.38
CA VAL A 235 14.75 7.57 -20.17
C VAL A 235 15.04 6.09 -20.27
N LEU A 236 14.23 5.26 -19.61
CA LEU A 236 14.43 3.82 -19.60
C LEU A 236 14.21 3.22 -20.98
N VAL A 237 13.22 3.71 -21.71
CA VAL A 237 12.96 3.22 -23.05
C VAL A 237 14.11 3.58 -24.00
N ASP A 238 14.54 4.85 -23.95
CA ASP A 238 15.65 5.25 -24.81
C ASP A 238 16.88 4.40 -24.53
N GLU A 239 17.18 4.14 -23.24
CA GLU A 239 18.36 3.33 -22.96
C GLU A 239 18.16 1.88 -23.37
N SER A 240 16.94 1.36 -23.27
CA SER A 240 16.67 0.01 -23.71
C SER A 240 16.87 -0.10 -25.21
N ARG A 241 16.33 0.87 -25.96
CA ARG A 241 16.49 0.84 -27.40
C ARG A 241 17.97 0.91 -27.77
N ARG A 242 18.70 1.80 -27.11
CA ARG A 242 20.11 1.98 -27.44
C ARG A 242 20.91 0.71 -27.12
N LEU A 243 20.64 0.09 -25.98
CA LEU A 243 21.37 -1.12 -25.62
C LEU A 243 21.03 -2.30 -26.51
N GLU A 244 19.78 -2.39 -26.99
CA GLU A 244 19.49 -3.45 -27.94
C GLU A 244 20.40 -3.33 -29.15
N GLU A 245 20.64 -2.10 -29.60
CA GLU A 245 21.51 -1.86 -30.75
C GLU A 245 22.97 -2.13 -30.43
N VAL A 246 23.47 -1.57 -29.32
N VAL A 246 23.46 -1.54 -29.33
CA VAL A 246 24.91 -1.64 -29.07
CA VAL A 246 24.88 -1.65 -29.00
C VAL A 246 25.34 -3.01 -28.53
C VAL A 246 25.27 -3.08 -28.71
N LEU A 247 24.42 -3.80 -27.99
CA LEU A 247 24.73 -5.15 -27.52
C LEU A 247 24.15 -6.24 -28.40
N GLY A 248 23.34 -5.89 -29.38
CA GLY A 248 22.78 -6.87 -30.30
C GLY A 248 21.85 -7.87 -29.63
N ILE A 249 20.91 -7.37 -28.80
CA ILE A 249 19.99 -8.22 -28.09
C ILE A 249 18.58 -7.66 -28.25
N LYS A 250 17.60 -8.46 -27.84
CA LYS A 250 16.20 -8.05 -27.79
C LYS A 250 15.72 -8.29 -26.36
N PHE A 251 15.34 -7.24 -25.67
CA PHE A 251 14.90 -7.39 -24.30
C PHE A 251 13.55 -8.10 -24.21
N ASP A 252 13.39 -8.92 -23.18
CA ASP A 252 12.09 -9.54 -22.92
C ASP A 252 11.07 -8.49 -22.49
N LEU A 253 11.51 -7.51 -21.68
CA LEU A 253 10.56 -6.70 -20.93
C LEU A 253 11.17 -5.37 -20.55
N ILE A 254 10.29 -4.50 -20.04
CA ILE A 254 10.68 -3.30 -19.30
C ILE A 254 9.76 -3.24 -18.09
N ASN A 255 10.33 -2.97 -16.92
CA ASN A 255 9.58 -2.94 -15.66
C ASN A 255 9.52 -1.50 -15.18
N VAL A 256 8.33 -0.90 -15.19
CA VAL A 256 8.18 0.53 -14.93
C VAL A 256 7.69 0.83 -13.52
N GLY A 257 7.59 -0.18 -12.66
CA GLY A 257 7.29 0.06 -11.27
C GLY A 257 5.85 0.38 -10.97
N GLY A 258 5.66 1.04 -9.84
CA GLY A 258 4.34 1.36 -9.34
C GLY A 258 4.11 2.84 -9.13
N GLY A 259 3.28 3.19 -8.16
CA GLY A 259 3.08 4.58 -7.78
C GLY A 259 1.74 5.17 -8.17
N ILE A 260 0.85 4.37 -8.76
CA ILE A 260 -0.49 4.90 -9.05
C ILE A 260 -1.11 5.40 -7.76
N PRO A 261 -1.59 6.63 -7.69
CA PRO A 261 -2.14 7.15 -6.44
C PRO A 261 -3.57 6.68 -6.22
N VAL A 262 -4.02 6.83 -4.98
CA VAL A 262 -5.38 6.54 -4.55
C VAL A 262 -5.98 7.81 -3.97
N PRO A 263 -7.25 8.10 -4.25
CA PRO A 263 -7.87 9.27 -3.61
C PRO A 263 -8.07 9.04 -2.12
N TYR A 264 -7.48 9.91 -1.31
CA TYR A 264 -7.80 9.94 0.12
C TYR A 264 -8.71 11.11 0.48
N LYS A 265 -8.72 12.14 -0.34
CA LYS A 265 -9.73 13.19 -0.33
C LYS A 265 -10.38 13.18 -1.70
N TYR A 266 -11.71 13.28 -1.72
CA TYR A 266 -12.45 13.02 -2.95
C TYR A 266 -12.96 14.29 -3.63
N ASP A 267 -12.99 15.42 -2.93
CA ASP A 267 -13.59 16.65 -3.46
C ASP A 267 -12.54 17.44 -4.24
N ASP A 268 -12.19 16.87 -5.40
CA ASP A 268 -11.06 17.35 -6.20
C ASP A 268 -11.23 18.82 -6.58
N GLU A 269 -12.47 19.28 -6.70
CA GLU A 269 -12.70 20.70 -7.01
C GLU A 269 -12.10 21.63 -5.96
N ASN A 270 -11.81 21.12 -4.76
CA ASN A 270 -11.29 21.94 -3.67
C ASN A 270 -9.83 21.66 -3.34
N GLY A 271 -9.14 20.87 -4.17
CA GLY A 271 -7.81 20.42 -3.84
C GLY A 271 -6.81 20.63 -4.98
N ASP A 272 -5.56 20.85 -4.59
CA ASP A 272 -4.43 20.95 -5.51
C ASP A 272 -3.52 19.75 -5.25
N PRO A 273 -3.57 18.71 -6.09
CA PRO A 273 -2.75 17.50 -5.84
C PRO A 273 -1.26 17.77 -5.68
N LEU A 274 -0.72 18.83 -6.28
CA LEU A 274 0.71 19.08 -6.15
C LEU A 274 1.07 19.69 -4.80
N LYS A 275 0.10 20.23 -4.07
CA LYS A 275 0.30 20.77 -2.73
C LYS A 275 -0.13 19.78 -1.65
N ASP A 276 -1.23 19.06 -1.89
CA ASP A 276 -1.80 18.11 -0.94
C ASP A 276 -1.99 16.81 -1.71
N ASN A 277 -1.03 15.89 -1.59
CA ASN A 277 -1.14 14.68 -2.40
C ASN A 277 -2.11 13.66 -1.81
N MET A 278 -2.94 14.05 -0.85
CA MET A 278 -4.10 13.22 -0.53
C MET A 278 -5.12 13.27 -1.65
N TYR A 279 -5.11 14.33 -2.43
CA TYR A 279 -5.85 14.35 -3.68
C TYR A 279 -5.04 13.57 -4.70
N ALA A 280 -5.68 12.59 -5.31
N ALA A 280 -5.71 12.69 -5.45
CA ALA A 280 -5.04 11.80 -6.37
CA ALA A 280 -5.02 11.73 -6.31
C ALA A 280 -5.06 12.64 -7.64
C ALA A 280 -4.32 12.39 -7.50
N GLY A 281 -3.87 13.05 -8.09
N GLY A 281 -4.99 13.28 -8.20
CA GLY A 281 -3.81 13.94 -9.24
CA GLY A 281 -4.32 13.98 -9.28
C GLY A 281 -4.07 13.26 -10.57
C GLY A 281 -4.18 13.25 -10.60
N ILE A 282 -3.93 11.94 -10.60
CA ILE A 282 -4.02 11.13 -11.83
C ILE A 282 -4.78 9.85 -11.53
N THR A 283 -5.19 9.18 -12.61
CA THR A 283 -5.85 7.88 -12.53
C THR A 283 -4.90 6.81 -13.07
N ALA A 284 -5.31 5.55 -12.89
CA ALA A 284 -4.58 4.45 -13.50
C ALA A 284 -4.53 4.62 -15.00
N GLN A 285 -5.60 5.12 -15.61
CA GLN A 285 -5.58 5.33 -17.05
C GLN A 285 -4.50 6.35 -17.43
N ASP A 286 -4.35 7.41 -16.62
CA ASP A 286 -3.30 8.39 -16.88
C ASP A 286 -1.91 7.77 -16.78
N PHE A 287 -1.68 6.94 -15.75
CA PHE A 287 -0.42 6.20 -15.62
C PHE A 287 -0.17 5.33 -16.84
N ALA A 288 -1.16 4.53 -17.24
CA ALA A 288 -1.01 3.64 -18.38
C ALA A 288 -0.75 4.41 -19.68
N ASP A 289 -1.49 5.51 -19.90
CA ASP A 289 -1.29 6.30 -21.13
C ASP A 289 0.14 6.79 -21.20
N ALA A 290 0.66 7.33 -20.09
CA ALA A 290 2.03 7.82 -20.10
C ALA A 290 3.03 6.71 -20.38
N VAL A 291 2.88 5.56 -19.71
CA VAL A 291 3.84 4.47 -19.84
C VAL A 291 3.77 3.86 -21.23
N ILE A 292 2.56 3.52 -21.68
CA ILE A 292 2.40 2.83 -22.95
C ILE A 292 2.86 3.70 -24.10
N ARG A 293 2.48 4.98 -24.08
CA ARG A 293 2.92 5.87 -25.15
CA ARG A 293 2.91 5.86 -25.14
C ARG A 293 4.43 5.86 -25.27
N GLU A 294 5.13 5.93 -24.15
CA GLU A 294 6.60 5.95 -24.22
C GLU A 294 7.18 4.63 -24.68
N VAL A 295 6.66 3.50 -24.19
CA VAL A 295 7.19 2.22 -24.60
C VAL A 295 6.94 1.97 -26.08
N HIS A 296 5.78 2.36 -26.58
CA HIS A 296 5.48 2.08 -27.98
C HIS A 296 6.29 2.90 -28.96
N LYS A 297 7.00 3.93 -28.50
CA LYS A 297 7.95 4.60 -29.36
C LYS A 297 9.16 3.74 -29.65
N TRP A 298 9.29 2.62 -28.96
CA TRP A 298 10.39 1.68 -29.10
C TRP A 298 9.86 0.35 -29.63
N ARG A 299 8.99 -0.32 -28.89
CA ARG A 299 8.46 -1.62 -29.27
C ARG A 299 7.03 -1.76 -28.81
N THR A 300 6.18 -2.34 -29.66
CA THR A 300 4.82 -2.61 -29.21
C THR A 300 4.66 -4.03 -28.69
N ASP A 301 5.62 -4.93 -28.98
CA ASP A 301 5.51 -6.33 -28.60
C ASP A 301 6.14 -6.64 -27.25
N VAL A 302 7.03 -5.79 -26.75
CA VAL A 302 7.77 -6.09 -25.54
C VAL A 302 6.80 -6.19 -24.37
N GLU A 303 7.16 -6.98 -23.38
CA GLU A 303 6.32 -7.06 -22.19
C GLU A 303 6.57 -5.83 -21.31
N ILE A 304 5.49 -5.23 -20.80
CA ILE A 304 5.57 -4.17 -19.81
C ILE A 304 5.18 -4.79 -18.50
N CYS A 305 6.06 -4.69 -17.52
CA CYS A 305 5.80 -5.11 -16.16
C CYS A 305 5.48 -3.89 -15.33
N ILE A 306 4.42 -3.97 -14.53
CA ILE A 306 4.07 -2.90 -13.60
C ILE A 306 4.01 -3.49 -12.20
N GLU A 307 4.21 -2.62 -11.21
CA GLU A 307 4.29 -3.03 -9.80
C GLU A 307 3.39 -2.20 -8.87
N PRO A 308 2.09 -2.09 -9.16
CA PRO A 308 1.23 -1.29 -8.28
C PRO A 308 1.06 -1.94 -6.92
N GLY A 309 1.15 -1.14 -5.87
CA GLY A 309 0.90 -1.62 -4.51
C GLY A 309 -0.33 -0.98 -3.94
N ARG A 310 -0.18 0.30 -3.57
CA ARG A 310 -1.26 1.07 -2.95
C ARG A 310 -2.59 0.98 -3.71
N LYS A 311 -2.55 1.10 -5.04
CA LYS A 311 -3.82 1.16 -5.78
C LYS A 311 -4.59 -0.15 -5.64
N VAL A 312 -3.90 -1.28 -5.45
CA VAL A 312 -4.61 -2.55 -5.40
C VAL A 312 -5.51 -2.63 -4.17
N THR A 313 -4.99 -2.24 -2.98
CA THR A 313 -5.70 -2.46 -1.72
C THR A 313 -6.12 -1.19 -0.97
N GLY A 314 -5.64 -0.01 -1.34
CA GLY A 314 -5.83 1.16 -0.49
C GLY A 314 -7.28 1.46 -0.15
N SER A 315 -8.13 1.51 -1.17
CA SER A 315 -9.54 1.79 -1.00
C SER A 315 -10.35 0.61 -0.47
N ALA A 316 -9.70 -0.54 -0.28
CA ALA A 316 -10.42 -1.79 -0.04
C ALA A 316 -10.42 -2.22 1.43
N ALA A 317 -10.13 -1.33 2.38
CA ALA A 317 -10.29 -1.67 3.78
C ALA A 317 -10.81 -0.47 4.56
N VAL A 318 -11.41 -0.78 5.71
N VAL A 318 -11.40 -0.75 5.73
CA VAL A 318 -11.85 0.21 6.69
CA VAL A 318 -11.81 0.29 6.66
C VAL A 318 -11.27 -0.22 8.02
C VAL A 318 -11.46 -0.15 8.07
N LEU A 319 -10.81 0.74 8.81
CA LEU A 319 -10.45 0.47 10.20
C LEU A 319 -11.64 0.80 11.06
N LEU A 320 -12.08 -0.17 11.87
CA LEU A 320 -13.21 0.00 12.78
C LEU A 320 -12.65 0.06 14.20
N THR A 321 -13.03 1.10 14.93
CA THR A 321 -12.48 1.36 16.25
C THR A 321 -13.60 1.93 17.11
N GLU A 322 -13.72 1.41 18.32
N GLU A 322 -13.70 1.44 18.35
CA GLU A 322 -14.80 1.81 19.22
CA GLU A 322 -14.82 1.78 19.22
C GLU A 322 -14.43 3.09 19.98
C GLU A 322 -14.49 3.00 20.10
N VAL A 323 -15.42 3.98 20.11
CA VAL A 323 -15.28 5.11 21.00
C VAL A 323 -15.31 4.54 22.40
N SER A 324 -14.19 4.67 23.11
CA SER A 324 -14.00 4.00 24.39
C SER A 324 -13.92 4.93 25.58
N CYS A 325 -13.84 6.23 25.34
CA CYS A 325 -13.85 7.22 26.40
C CYS A 325 -14.15 8.57 25.78
N GLU A 326 -14.50 9.53 26.64
CA GLU A 326 -14.78 10.89 26.23
C GLU A 326 -14.43 11.81 27.39
N LYS A 327 -14.13 13.06 27.06
CA LYS A 327 -13.92 14.10 28.05
C LYS A 327 -14.04 15.45 27.35
N ARG A 328 -14.31 16.46 28.15
CA ARG A 328 -14.33 17.84 27.71
C ARG A 328 -13.21 18.54 28.45
N LYS A 329 -12.35 19.21 27.72
CA LYS A 329 -11.34 20.07 28.32
C LYS A 329 -11.68 21.51 28.03
N THR A 330 -11.55 22.35 29.03
CA THR A 330 -11.94 23.73 28.93
C THR A 330 -10.74 24.61 29.25
N ASN A 331 -10.46 25.56 28.37
CA ASN A 331 -9.48 26.60 28.63
C ASN A 331 -10.21 27.77 29.24
N TYR A 332 -9.75 28.23 30.40
CA TYR A 332 -10.34 29.36 31.10
C TYR A 332 -9.37 30.53 31.07
N ASP A 333 -9.92 31.75 31.03
CA ASP A 333 -9.09 32.93 31.14
C ASP A 333 -8.71 33.15 32.62
N LEU A 334 -7.95 34.20 32.88
CA LEU A 334 -7.44 34.42 34.23
C LEU A 334 -8.51 34.88 35.21
N ASN A 335 -9.72 35.20 34.74
CA ASN A 335 -10.83 35.51 35.61
C ASN A 335 -11.80 34.34 35.78
N GLY A 336 -11.48 33.18 35.22
CA GLY A 336 -12.31 32.00 35.38
C GLY A 336 -13.41 31.85 34.36
N ASN A 337 -13.47 32.71 33.35
CA ASN A 337 -14.47 32.60 32.30
C ASN A 337 -13.97 31.67 31.21
N VAL A 338 -14.92 30.99 30.57
CA VAL A 338 -14.56 30.00 29.55
C VAL A 338 -14.05 30.71 28.31
N GLU A 339 -12.87 30.29 27.82
CA GLU A 339 -12.35 30.73 26.53
C GLU A 339 -12.80 29.79 25.41
N CYS A 340 -12.69 28.49 25.64
CA CYS A 340 -13.17 27.51 24.67
C CYS A 340 -13.29 26.16 25.35
N HIS A 341 -14.07 25.28 24.73
CA HIS A 341 -14.18 23.89 25.14
C HIS A 341 -13.61 23.03 24.02
N VAL A 342 -12.97 21.93 24.39
CA VAL A 342 -12.54 20.91 23.44
C VAL A 342 -13.20 19.60 23.83
N GLU A 343 -13.92 18.99 22.88
CA GLU A 343 -14.58 17.72 23.09
C GLU A 343 -13.66 16.63 22.54
N TRP A 344 -13.05 15.88 23.45
CA TRP A 344 -12.18 14.78 23.09
C TRP A 344 -12.97 13.48 23.05
N LYS A 345 -12.85 12.75 21.94
CA LYS A 345 -13.37 11.39 21.82
C LYS A 345 -12.17 10.46 21.71
N PHE A 346 -12.12 9.43 22.55
CA PHE A 346 -11.04 8.47 22.54
C PHE A 346 -11.50 7.19 21.89
N VAL A 347 -10.74 6.72 20.90
CA VAL A 347 -11.00 5.45 20.26
C VAL A 347 -9.93 4.46 20.66
N ASP A 348 -10.20 3.18 20.44
CA ASP A 348 -9.31 2.12 20.89
C ASP A 348 -8.20 1.79 19.89
N ALA A 349 -8.05 2.58 18.82
CA ALA A 349 -6.92 2.52 17.89
C ALA A 349 -6.16 3.84 17.95
N GLY A 350 -4.84 3.76 18.12
CA GLY A 350 -3.98 4.93 17.97
C GLY A 350 -2.91 4.69 16.93
N TYR A 351 -1.80 5.40 16.99
CA TYR A 351 -0.84 5.33 15.89
C TYR A 351 -0.07 4.02 15.85
N SER A 352 -0.14 3.19 16.88
CA SER A 352 0.43 1.86 16.81
C SER A 352 -0.39 0.93 15.91
N VAL A 353 -1.62 1.28 15.60
N VAL A 353 -1.64 1.30 15.66
CA VAL A 353 -2.40 0.45 14.69
CA VAL A 353 -2.56 0.57 14.79
C VAL A 353 -2.75 1.15 13.39
C VAL A 353 -2.60 1.18 13.39
N LEU A 354 -2.66 2.50 13.32
CA LEU A 354 -2.78 3.28 12.06
C LEU A 354 -1.55 4.19 11.96
N SER A 355 -0.44 3.59 11.57
CA SER A 355 0.88 4.24 11.64
CA SER A 355 0.85 4.27 11.70
C SER A 355 0.93 5.54 10.84
N ASP A 356 0.42 5.49 9.60
CA ASP A 356 0.69 6.60 8.67
C ASP A 356 -0.07 7.88 9.05
N SER A 357 -1.15 7.73 9.84
CA SER A 357 -1.89 8.91 10.30
C SER A 357 -1.00 9.81 11.14
N GLN A 358 0.00 9.23 11.80
CA GLN A 358 0.95 9.95 12.61
CA GLN A 358 0.96 9.97 12.61
C GLN A 358 2.25 10.23 11.87
N HIS A 359 2.87 9.20 11.33
CA HIS A 359 4.24 9.32 10.85
C HIS A 359 4.36 9.92 9.45
N PHE A 360 3.31 9.86 8.66
CA PHE A 360 3.34 10.38 7.30
C PHE A 360 2.22 11.36 7.02
N ASP A 361 1.63 11.92 8.08
CA ASP A 361 0.62 12.96 7.97
C ASP A 361 -0.44 12.56 6.95
N TRP A 362 -0.88 11.31 7.07
CA TRP A 362 -1.81 10.75 6.09
C TRP A 362 -3.24 11.00 6.54
N PHE A 363 -4.06 11.48 5.60
CA PHE A 363 -5.46 11.72 5.86
C PHE A 363 -6.29 10.50 5.46
N PHE A 364 -7.24 10.15 6.31
CA PHE A 364 -8.27 9.16 6.02
C PHE A 364 -9.61 9.74 6.45
N TYR A 365 -10.64 9.54 5.64
CA TYR A 365 -11.97 9.99 6.06
C TYR A 365 -12.40 9.28 7.33
N VAL A 366 -12.96 10.05 8.26
CA VAL A 366 -13.42 9.55 9.54
C VAL A 366 -14.91 9.82 9.65
N TYR A 367 -15.68 8.77 9.94
CA TYR A 367 -17.12 8.92 10.16
C TYR A 367 -17.57 8.06 11.32
N ASN A 368 -18.74 8.39 11.88
CA ASN A 368 -19.35 7.57 12.93
C ASN A 368 -20.16 6.50 12.22
N ALA A 369 -19.59 5.29 12.11
CA ALA A 369 -20.27 4.20 11.41
C ALA A 369 -21.59 3.82 12.07
N SER A 370 -21.70 4.02 13.38
CA SER A 370 -22.93 3.70 14.10
C SER A 370 -24.02 4.74 13.86
N ARG A 371 -23.65 5.94 13.40
CA ARG A 371 -24.58 7.04 13.19
C ARG A 371 -24.30 7.67 11.84
N MET A 372 -24.16 6.81 10.83
CA MET A 372 -23.66 7.25 9.53
C MET A 372 -24.67 8.11 8.79
N THR A 373 -25.95 7.98 9.08
CA THR A 373 -26.99 8.82 8.47
C THR A 373 -27.25 10.10 9.24
N ALA A 374 -26.60 10.30 10.38
CA ALA A 374 -26.79 11.51 11.17
C ALA A 374 -25.82 12.59 10.72
N ALA A 375 -26.27 13.83 10.79
CA ALA A 375 -25.40 14.96 10.51
C ALA A 375 -24.17 14.89 11.40
N HIS A 376 -23.00 15.04 10.80
CA HIS A 376 -21.75 15.15 11.55
C HIS A 376 -21.53 16.62 11.81
N ASP A 377 -22.07 17.09 12.95
CA ASP A 377 -22.29 18.52 13.18
C ASP A 377 -21.55 19.06 14.40
N ALA A 378 -20.65 18.28 14.99
CA ALA A 378 -19.91 18.69 16.18
C ALA A 378 -18.42 18.55 15.91
N TRP A 379 -17.66 19.62 16.17
CA TRP A 379 -16.21 19.56 16.08
C TRP A 379 -15.68 18.84 17.31
N ILE A 380 -14.82 17.86 17.07
CA ILE A 380 -14.23 17.08 18.15
C ILE A 380 -12.76 16.85 17.80
N LYS A 381 -11.99 16.54 18.83
CA LYS A 381 -10.65 16.00 18.64
C LYS A 381 -10.66 14.50 18.96
N LEU A 382 -9.96 13.74 18.12
CA LEU A 382 -10.01 12.28 18.13
C LEU A 382 -8.67 11.76 18.65
N ALA A 383 -8.71 11.04 19.77
CA ALA A 383 -7.51 10.58 20.44
C ALA A 383 -7.43 9.06 20.40
N GLY A 384 -6.19 8.55 20.38
CA GLY A 384 -5.93 7.13 20.52
C GLY A 384 -5.75 6.75 21.99
N PRO A 385 -5.51 5.47 22.26
CA PRO A 385 -5.41 4.94 23.62
C PRO A 385 -3.99 4.84 24.15
N LEU A 386 -2.97 5.25 23.39
CA LEU A 386 -1.62 5.12 23.91
C LEU A 386 -1.36 6.16 25.00
N SER A 387 -0.58 5.77 26.03
CA SER A 387 -0.13 6.71 27.05
C SER A 387 1.04 7.50 26.46
N ASP A 388 0.69 8.51 25.66
CA ASP A 388 1.60 9.25 24.79
C ASP A 388 0.84 10.48 24.29
N GLY A 389 1.30 11.67 24.68
CA GLY A 389 0.54 12.87 24.38
C GLY A 389 0.39 13.13 22.90
N GLY A 390 1.29 12.59 22.07
CA GLY A 390 1.17 12.73 20.64
C GLY A 390 0.23 11.76 19.96
N ASP A 391 -0.30 10.78 20.69
CA ASP A 391 -1.22 9.82 20.10
C ASP A 391 -2.63 10.39 20.09
N TYR A 392 -2.82 11.31 19.17
CA TYR A 392 -4.14 11.69 18.68
C TYR A 392 -4.01 11.98 17.19
N PHE A 393 -5.15 11.94 16.52
CA PHE A 393 -5.18 12.06 15.08
C PHE A 393 -5.13 13.53 14.69
N HIS A 394 -4.03 13.94 14.09
CA HIS A 394 -3.79 15.35 13.76
C HIS A 394 -4.33 15.74 12.39
N MET A 395 -4.58 14.77 11.50
CA MET A 395 -4.99 15.09 10.13
CA MET A 395 -4.99 15.08 10.14
C MET A 395 -6.51 15.17 10.07
N GLY A 396 -7.04 16.26 10.61
CA GLY A 396 -8.47 16.44 10.73
C GLY A 396 -9.14 16.99 9.48
N VAL A 397 -10.45 17.22 9.62
CA VAL A 397 -11.24 17.87 8.58
C VAL A 397 -10.91 19.35 8.47
N LYS A 398 -10.62 19.98 9.60
CA LYS A 398 -10.20 21.39 9.63
C LYS A 398 -9.11 21.45 10.69
N GLY A 399 -7.88 21.63 10.27
CA GLY A 399 -6.79 21.53 11.23
C GLY A 399 -6.80 20.17 11.88
N GLU A 400 -6.73 20.18 13.20
CA GLU A 400 -6.72 18.95 14.00
C GLU A 400 -8.11 18.55 14.46
N GLU A 401 -9.15 19.17 13.93
CA GLU A 401 -10.51 18.88 14.36
C GLU A 401 -11.24 18.00 13.36
N PHE A 402 -12.02 17.07 13.88
CA PHE A 402 -12.89 16.19 13.11
C PHE A 402 -14.34 16.57 13.34
N LEU A 403 -15.23 15.99 12.54
CA LEU A 403 -16.68 16.19 12.67
C LEU A 403 -17.34 14.85 12.94
N LEU A 404 -18.08 14.78 14.03
CA LEU A 404 -18.92 13.63 14.37
C LEU A 404 -20.28 14.16 14.80
N PRO A 405 -21.31 13.32 14.77
CA PRO A 405 -22.61 13.73 15.33
C PRO A 405 -22.45 14.19 16.77
N LYS A 406 -23.15 15.27 17.11
CA LYS A 406 -23.14 15.71 18.50
C LYS A 406 -23.65 14.61 19.42
N GLU A 407 -24.44 13.68 18.89
CA GLU A 407 -25.01 12.55 19.62
C GLU A 407 -24.02 11.41 19.83
N THR A 408 -22.78 11.53 19.37
CA THR A 408 -21.83 10.43 19.51
C THR A 408 -21.69 10.03 20.96
N HIS A 409 -21.68 8.71 21.20
CA HIS A 409 -21.66 8.10 22.53
CA HIS A 409 -21.61 8.15 22.55
C HIS A 409 -20.50 7.11 22.62
N VAL A 410 -19.96 6.94 23.83
CA VAL A 410 -19.04 5.83 24.06
C VAL A 410 -19.77 4.55 23.69
N GLY A 411 -19.09 3.68 22.95
CA GLY A 411 -19.68 2.49 22.39
C GLY A 411 -19.95 2.57 20.89
N ASP A 412 -20.05 3.76 20.32
CA ASP A 412 -20.20 3.91 18.88
C ASP A 412 -18.94 3.41 18.19
N ILE A 413 -19.10 3.00 16.94
CA ILE A 413 -18.00 2.51 16.11
C ILE A 413 -17.62 3.62 15.14
N VAL A 414 -16.36 4.01 15.15
CA VAL A 414 -15.82 4.97 14.21
C VAL A 414 -15.14 4.20 13.10
N ALA A 415 -15.29 4.68 11.87
CA ALA A 415 -14.63 4.09 10.71
C ALA A 415 -13.67 5.08 10.09
N PHE A 416 -12.48 4.58 9.76
CA PHE A 416 -11.51 5.27 8.91
C PHE A 416 -11.57 4.58 7.56
N LEU A 417 -11.85 5.35 6.50
CA LEU A 417 -11.95 4.79 5.17
C LEU A 417 -10.56 4.73 4.52
N ASP A 418 -10.48 4.00 3.40
CA ASP A 418 -9.26 3.96 2.58
C ASP A 418 -8.06 3.48 3.39
N ALA A 419 -8.31 2.47 4.23
CA ALA A 419 -7.33 2.01 5.20
C ALA A 419 -6.67 0.68 4.80
N GLY A 420 -6.56 0.40 3.50
CA GLY A 420 -6.08 -0.90 3.05
C GLY A 420 -4.64 -0.98 2.59
N ALA A 421 -3.93 0.14 2.51
CA ALA A 421 -2.54 0.16 2.02
C ALA A 421 -1.62 0.62 3.14
N TYR A 422 -0.60 -0.20 3.43
CA TYR A 422 0.50 0.14 4.34
C TYR A 422 0.02 0.31 5.78
N THR A 423 -1.07 -0.40 6.15
CA THR A 423 -1.68 -0.30 7.47
C THR A 423 -1.53 -1.51 8.37
N ILE A 424 -1.10 -2.67 7.86
CA ILE A 424 -1.03 -3.86 8.71
C ILE A 424 0.39 -4.13 9.19
N GLU A 425 1.34 -4.28 8.26
CA GLU A 425 2.68 -4.64 8.69
C GLU A 425 3.38 -3.53 9.46
N SER A 426 2.91 -2.30 9.34
CA SER A 426 3.45 -1.14 10.01
C SER A 426 2.94 -0.99 11.43
N GLN A 427 2.08 -1.89 11.91
CA GLN A 427 1.60 -1.79 13.27
C GLN A 427 2.71 -2.18 14.25
N THR A 428 2.59 -1.72 15.49
CA THR A 428 3.56 -2.06 16.53
C THR A 428 2.84 -2.57 17.77
N VAL A 429 3.63 -3.08 18.73
CA VAL A 429 3.12 -3.41 20.06
C VAL A 429 3.58 -2.37 21.07
N TYR A 430 3.69 -1.11 20.64
CA TYR A 430 3.96 -0.03 21.56
C TYR A 430 2.91 0.01 22.67
N ASN A 431 3.37 0.26 23.91
CA ASN A 431 2.54 0.17 25.12
C ASN A 431 2.03 -1.25 25.38
N ASN A 432 2.52 -2.25 24.65
N ASN A 432 2.54 -2.23 24.63
CA ASN A 432 1.96 -3.61 24.69
CA ASN A 432 2.00 -3.59 24.60
C ASN A 432 0.47 -3.64 24.36
C ASN A 432 0.49 -3.61 24.40
N ARG A 433 0.00 -2.70 23.56
CA ARG A 433 -1.28 -2.93 22.90
C ARG A 433 -1.07 -3.88 21.72
N PRO A 434 -1.98 -4.80 21.49
CA PRO A 434 -1.75 -5.80 20.44
C PRO A 434 -1.94 -5.22 19.04
N ARG A 435 -1.21 -5.80 18.10
CA ARG A 435 -1.56 -5.56 16.70
C ARG A 435 -2.93 -6.20 16.41
N THR A 436 -3.64 -5.60 15.46
CA THR A 436 -5.07 -5.88 15.29
C THR A 436 -5.37 -7.17 14.55
N GLY A 437 -6.54 -7.71 14.82
CA GLY A 437 -7.14 -8.66 13.93
C GLY A 437 -7.49 -8.02 12.60
N VAL A 438 -7.74 -8.87 11.63
CA VAL A 438 -8.14 -8.45 10.28
C VAL A 438 -9.23 -9.39 9.82
N VAL A 439 -10.31 -8.83 9.26
CA VAL A 439 -11.46 -9.56 8.76
C VAL A 439 -11.54 -9.32 7.26
N MET A 440 -12.06 -10.31 6.53
CA MET A 440 -12.23 -10.22 5.08
CA MET A 440 -12.23 -10.19 5.09
C MET A 440 -13.68 -10.43 4.72
N ILE A 441 -14.22 -9.55 3.88
CA ILE A 441 -15.51 -9.75 3.23
C ILE A 441 -15.19 -10.39 1.90
N ASP A 442 -15.68 -11.61 1.66
CA ASP A 442 -15.38 -12.31 0.43
C ASP A 442 -16.34 -11.92 -0.69
N LYS A 443 -16.17 -12.54 -1.85
CA LYS A 443 -16.97 -12.20 -3.02
C LYS A 443 -18.44 -12.47 -2.79
N ASN A 444 -18.77 -13.39 -1.90
CA ASN A 444 -20.16 -13.70 -1.59
C ASN A 444 -20.75 -12.78 -0.53
N GLY A 445 -19.98 -11.82 -0.02
CA GLY A 445 -20.43 -10.97 1.06
C GLY A 445 -20.35 -11.58 2.43
N ASP A 446 -19.71 -12.74 2.58
CA ASP A 446 -19.52 -13.36 3.89
C ASP A 446 -18.21 -12.90 4.51
N THR A 447 -18.14 -12.95 5.83
CA THR A 447 -16.97 -12.47 6.55
C THR A 447 -16.26 -13.61 7.27
N ARG A 448 -14.94 -13.48 7.39
CA ARG A 448 -14.15 -14.42 8.16
C ARG A 448 -12.93 -13.70 8.68
N LEU A 449 -12.39 -14.19 9.80
CA LEU A 449 -11.19 -13.63 10.37
C LEU A 449 -10.01 -14.15 9.58
N ILE A 450 -9.14 -13.24 9.11
CA ILE A 450 -7.95 -13.63 8.36
C ILE A 450 -6.66 -13.32 9.09
N ARG A 451 -6.72 -12.59 10.21
CA ARG A 451 -5.57 -12.42 11.09
C ARG A 451 -6.11 -12.25 12.50
N ARG A 452 -5.53 -12.99 13.44
CA ARG A 452 -5.93 -12.80 14.82
C ARG A 452 -5.31 -11.54 15.40
N GLU A 453 -5.96 -11.03 16.43
CA GLU A 453 -5.32 -10.03 17.27
C GLU A 453 -4.18 -10.69 18.05
N ASP A 454 -3.04 -10.01 18.15
CA ASP A 454 -1.97 -10.53 19.00
C ASP A 454 -2.49 -10.84 20.41
N SER A 455 -2.13 -11.99 20.95
CA SER A 455 -2.48 -12.31 22.34
C SER A 455 -1.37 -11.87 23.30
N TYR A 456 -1.68 -11.92 24.60
CA TYR A 456 -0.62 -11.65 25.57
C TYR A 456 0.54 -12.63 25.39
N GLU A 457 0.19 -13.89 25.13
N GLU A 457 0.25 -13.89 25.12
CA GLU A 457 1.15 -14.98 25.07
CA GLU A 457 1.35 -14.81 24.86
C GLU A 457 2.00 -14.89 23.81
C GLU A 457 2.28 -14.23 23.79
N ASP A 458 1.39 -14.53 22.68
N ASP A 458 1.71 -13.54 22.79
CA ASP A 458 2.16 -14.23 21.48
CA ASP A 458 2.52 -12.99 21.71
C ASP A 458 3.23 -13.20 21.80
C ASP A 458 3.43 -11.86 22.18
N MET A 459 2.83 -12.13 22.48
N MET A 459 3.02 -11.13 23.22
CA MET A 459 3.72 -10.99 22.67
CA MET A 459 3.84 -10.04 23.72
C MET A 459 4.88 -11.31 23.60
C MET A 459 5.16 -10.56 24.26
N VAL A 460 4.66 -12.08 24.66
N VAL A 460 5.15 -11.74 24.88
CA VAL A 460 5.77 -12.42 25.56
CA VAL A 460 6.31 -12.24 25.62
C VAL A 460 6.63 -13.55 25.05
C VAL A 460 6.93 -13.50 25.02
N LYS A 461 6.17 -14.30 24.03
N LYS A 461 6.26 -14.16 24.08
CA LYS A 461 6.88 -15.51 23.62
CA LYS A 461 6.79 -15.42 23.56
C LYS A 461 8.22 -15.23 22.95
C LYS A 461 8.14 -15.23 22.87
N TYR A 462 8.43 -14.03 22.37
CA TYR A 462 9.71 -13.76 21.75
C TYR A 462 10.82 -13.58 22.78
N ASP A 463 10.48 -13.29 24.02
CA ASP A 463 11.47 -12.98 25.04
C ASP A 463 11.98 -14.26 25.69
N ILE A 464 13.22 -14.23 26.14
CA ILE A 464 13.87 -15.34 26.82
C ILE A 464 14.13 -14.85 28.24
N TYR A 465 13.45 -15.45 29.21
CA TYR A 465 13.59 -15.00 30.59
C TYR A 465 13.29 -16.15 31.53
N LEU A 466 13.87 -16.07 32.73
CA LEU A 466 13.55 -17.02 33.78
C LEU A 466 12.13 -16.77 34.25
N LEU A 467 11.32 -17.83 34.26
CA LEU A 467 9.94 -17.73 34.69
C LEU A 467 9.89 -17.73 36.22
N ALA A 468 8.70 -17.44 36.75
CA ALA A 468 8.47 -17.50 38.20
C ALA A 468 7.55 -18.65 38.61
N ALA A 469 6.88 -19.30 37.66
CA ALA A 469 6.01 -20.43 37.97
C ALA A 469 6.05 -21.45 36.84
#